data_8J48
#
_entry.id   8J48
#
_cell.length_a   35.835
_cell.length_b   73.397
_cell.length_c   58.671
_cell.angle_alpha   90.00
_cell.angle_beta   107.22
_cell.angle_gamma   90.00
#
_symmetry.space_group_name_H-M   'P 1 21 1'
#
loop_
_entity.id
_entity.type
_entity.pdbx_description
1 polymer 'GATA transcription factor 18'
2 polymer 'Sequence-variable mosaic (SVM) signal sequence domain-containing protein'
3 non-polymer 'ZINC ION'
4 water water
#
loop_
_entity_poly.entity_id
_entity_poly.type
_entity_poly.pdbx_seq_one_letter_code
_entity_poly.pdbx_strand_id
1 'polypeptide(L)' GDSLLARRCANCDTTSTPLWRNGPRGPKSLCNACGIRFKKEERRTTAATGNT D,A
2 'polypeptide(L)'
;GAPHEERVGDMRIVNITFSDINSIKNFQPFSQYFDFTLTGPRYNGNIAQFAMIWKIKNPPHNLLGVFFDNNTRDDEDDKY
TLEELKQMGNGAKNMYIFWQYEQK
;
B,C
#
# COMPACT_ATOMS: atom_id res chain seq x y z
N ARG A 7 6.68 -24.22 -15.54
CA ARG A 7 6.56 -24.72 -14.16
C ARG A 7 5.65 -23.78 -13.37
N ARG A 8 4.92 -24.32 -12.39
CA ARG A 8 3.98 -23.57 -11.56
C ARG A 8 4.22 -23.83 -10.08
N CYS A 9 4.08 -22.77 -9.27
CA CYS A 9 4.26 -22.90 -7.83
C CYS A 9 3.11 -23.70 -7.22
N ALA A 10 3.46 -24.73 -6.44
CA ALA A 10 2.44 -25.60 -5.90
C ALA A 10 1.54 -24.89 -4.91
N ASN A 11 1.98 -23.77 -4.35
CA ASN A 11 1.18 -23.02 -3.38
C ASN A 11 0.48 -21.83 -4.02
N CYS A 12 1.21 -20.91 -4.63
CA CYS A 12 0.55 -19.74 -5.16
C CYS A 12 0.24 -19.81 -6.66
N ASP A 13 0.78 -20.79 -7.40
CA ASP A 13 0.45 -21.04 -8.81
C ASP A 13 1.13 -20.08 -9.79
N THR A 14 2.05 -19.24 -9.36
CA THR A 14 2.77 -18.41 -10.31
C THR A 14 3.63 -19.28 -11.22
N THR A 15 3.86 -18.76 -12.43
CA THR A 15 4.83 -19.32 -13.36
C THR A 15 6.08 -18.47 -13.46
N SER A 16 6.13 -17.34 -12.76
CA SER A 16 7.27 -16.42 -12.82
C SER A 16 7.90 -16.31 -11.44
N THR A 17 9.20 -16.57 -11.38
CA THR A 17 9.93 -16.48 -10.13
C THR A 17 11.41 -16.42 -10.47
N PRO A 18 12.22 -15.75 -9.66
CA PRO A 18 13.66 -15.74 -9.95
C PRO A 18 14.39 -16.99 -9.49
N LEU A 19 13.73 -17.85 -8.71
CA LEU A 19 14.37 -19.07 -8.23
C LEU A 19 13.29 -20.05 -7.78
N TRP A 20 13.23 -21.22 -8.42
CA TRP A 20 12.38 -22.30 -7.91
C TRP A 20 13.00 -22.94 -6.67
N ARG A 21 12.21 -23.11 -5.63
CA ARG A 21 12.68 -23.62 -4.35
C ARG A 21 11.98 -24.92 -3.95
N ASN A 22 12.65 -25.67 -3.07
CA ASN A 22 12.11 -26.92 -2.56
C ASN A 22 10.98 -26.65 -1.58
N GLY A 23 10.01 -27.56 -1.55
CA GLY A 23 8.87 -27.48 -0.68
C GLY A 23 8.45 -28.86 -0.21
N PRO A 24 7.51 -28.93 0.74
CA PRO A 24 7.10 -30.25 1.28
C PRO A 24 6.60 -31.25 0.24
N ARG A 25 6.15 -30.79 -0.94
CA ARG A 25 5.64 -31.65 -2.00
C ARG A 25 6.72 -32.17 -2.93
N GLY A 26 7.87 -31.53 -2.97
CA GLY A 26 8.88 -31.93 -3.90
C GLY A 26 9.86 -30.83 -4.17
N PRO A 27 10.94 -31.22 -4.81
CA PRO A 27 11.97 -30.25 -5.16
C PRO A 27 11.46 -29.27 -6.19
N LYS A 28 11.87 -28.01 -6.04
CA LYS A 28 11.61 -26.94 -7.02
C LYS A 28 10.12 -26.73 -7.26
N SER A 29 9.31 -27.02 -6.25
CA SER A 29 7.87 -26.95 -6.36
C SER A 29 7.30 -25.62 -5.88
N LEU A 30 8.11 -24.77 -5.29
CA LEU A 30 7.65 -23.49 -4.75
C LEU A 30 8.33 -22.33 -5.48
N CYS A 31 7.60 -21.24 -5.69
CA CYS A 31 8.25 -20.05 -6.20
C CYS A 31 9.18 -19.49 -5.11
N ASN A 32 9.95 -18.47 -5.49
CA ASN A 32 10.94 -17.90 -4.58
C ASN A 32 10.30 -17.45 -3.28
N ALA A 33 9.21 -16.67 -3.37
CA ALA A 33 8.58 -16.15 -2.17
C ALA A 33 7.99 -17.27 -1.33
N CYS A 34 7.26 -18.19 -1.96
CA CYS A 34 6.59 -19.26 -1.22
C CYS A 34 7.64 -20.16 -0.56
N GLY A 35 8.77 -20.39 -1.24
CA GLY A 35 9.83 -21.19 -0.68
C GLY A 35 10.58 -20.50 0.44
N ILE A 36 10.62 -19.17 0.43
CA ILE A 36 11.22 -18.48 1.57
C ILE A 36 10.26 -18.52 2.76
N ARG A 37 8.96 -18.33 2.49
CA ARG A 37 7.97 -18.52 3.55
C ARG A 37 8.01 -19.93 4.11
N PHE A 38 8.23 -20.93 3.25
CA PHE A 38 8.29 -22.29 3.77
C PHE A 38 9.52 -22.49 4.65
N LYS A 39 10.66 -21.99 4.21
CA LYS A 39 11.87 -22.05 5.03
C LYS A 39 11.62 -21.46 6.41
N LYS A 40 10.85 -20.37 6.47
CA LYS A 40 10.55 -19.69 7.76
C LYS A 40 9.73 -20.62 8.65
N GLU A 41 8.57 -21.08 8.16
CA GLU A 41 7.72 -22.04 8.92
C GLU A 41 8.38 -23.41 8.87
N GLU A 42 9.46 -23.62 9.62
CA GLU A 42 10.22 -24.91 9.60
C GLU A 42 10.47 -25.33 8.15
N ALA B 2 23.95 13.89 1.77
CA ALA B 2 24.69 13.46 2.96
C ALA B 2 24.16 14.11 4.26
N PRO B 3 24.13 15.45 4.36
CA PRO B 3 23.71 16.05 5.62
C PRO B 3 22.22 15.88 5.92
N HIS B 4 21.38 15.80 4.88
CA HIS B 4 19.94 15.68 5.05
C HIS B 4 19.48 14.25 5.35
N GLU B 5 20.37 13.26 5.31
CA GLU B 5 19.97 11.87 5.50
C GLU B 5 19.70 11.57 6.97
N GLU B 6 18.62 10.84 7.22
CA GLU B 6 18.24 10.48 8.59
C GLU B 6 18.99 9.22 9.06
N ARG B 7 19.07 9.09 10.37
CA ARG B 7 19.63 7.91 11.00
C ARG B 7 18.64 7.41 12.04
N VAL B 8 18.68 6.10 12.28
CA VAL B 8 17.97 5.48 13.38
C VAL B 8 19.02 4.69 14.16
N GLY B 9 19.44 5.23 15.30
CA GLY B 9 20.53 4.57 16.01
C GLY B 9 21.78 4.61 15.16
N ASP B 10 22.45 3.48 15.03
CA ASP B 10 23.62 3.39 14.17
C ASP B 10 23.26 3.21 12.69
N MET B 11 21.98 3.17 12.34
CA MET B 11 21.56 2.81 10.99
C MET B 11 21.27 4.05 10.17
N ARG B 12 21.84 4.15 8.98
CA ARG B 12 21.56 5.28 8.12
C ARG B 12 20.43 4.92 7.17
N ILE B 13 19.49 5.85 6.99
CA ILE B 13 18.36 5.71 6.08
C ILE B 13 18.74 6.32 4.73
N VAL B 14 18.85 5.48 3.69
CA VAL B 14 19.21 5.93 2.34
C VAL B 14 17.98 5.81 1.44
N ASN B 15 17.44 6.96 1.00
CA ASN B 15 16.33 7.01 0.08
C ASN B 15 16.86 7.24 -1.33
N ILE B 16 16.83 6.20 -2.16
CA ILE B 16 17.27 6.27 -3.54
C ILE B 16 16.07 6.20 -4.47
N THR B 17 16.05 7.09 -5.46
CA THR B 17 14.90 7.30 -6.32
C THR B 17 15.25 6.84 -7.73
N PHE B 18 14.32 6.13 -8.35
CA PHE B 18 14.51 5.59 -9.68
C PHE B 18 13.33 6.00 -10.55
N SER B 19 13.54 5.94 -11.86
CA SER B 19 12.48 6.26 -12.78
C SER B 19 11.38 5.22 -12.75
N ASP B 20 11.74 3.96 -12.46
CA ASP B 20 10.82 2.82 -12.50
C ASP B 20 11.55 1.60 -11.95
N ILE B 21 10.77 0.55 -11.66
CA ILE B 21 11.33 -0.66 -11.07
C ILE B 21 12.29 -1.35 -12.05
N ASN B 22 12.07 -1.16 -13.35
CA ASN B 22 12.99 -1.72 -14.34
C ASN B 22 14.39 -1.15 -14.19
N SER B 23 14.51 0.11 -13.79
CA SER B 23 15.83 0.72 -13.56
C SER B 23 16.58 -0.01 -12.44
N ILE B 24 15.85 -0.60 -11.48
CA ILE B 24 16.54 -1.20 -10.35
C ILE B 24 17.15 -2.55 -10.75
N LYS B 25 16.60 -3.21 -11.78
CA LYS B 25 17.19 -4.46 -12.25
C LYS B 25 18.66 -4.30 -12.60
N ASN B 26 19.07 -3.11 -13.04
CA ASN B 26 20.43 -2.84 -13.48
C ASN B 26 21.29 -2.23 -12.38
N PHE B 27 20.79 -2.17 -11.15
CA PHE B 27 21.47 -1.46 -10.07
C PHE B 27 22.25 -2.47 -9.23
N GLN B 28 23.54 -2.67 -9.57
CA GLN B 28 24.43 -3.44 -8.71
C GLN B 28 24.97 -2.55 -7.60
N PRO B 29 25.13 -3.07 -6.38
CA PRO B 29 24.95 -4.47 -6.00
C PRO B 29 23.63 -4.76 -5.30
N PHE B 30 22.55 -4.02 -5.57
CA PHE B 30 21.31 -4.27 -4.84
C PHE B 30 20.27 -5.08 -5.62
N SER B 31 20.31 -5.07 -6.96
CA SER B 31 19.30 -5.80 -7.73
C SER B 31 19.20 -7.27 -7.33
N GLN B 32 20.30 -7.87 -6.90
CA GLN B 32 20.30 -9.30 -6.61
C GLN B 32 19.40 -9.66 -5.45
N TYR B 33 19.02 -8.69 -4.61
CA TYR B 33 18.19 -8.98 -3.46
C TYR B 33 16.71 -8.83 -3.75
N PHE B 34 16.37 -8.14 -4.83
CA PHE B 34 14.98 -7.96 -5.20
C PHE B 34 14.40 -9.26 -5.73
N ASP B 35 13.07 -9.40 -5.62
CA ASP B 35 12.33 -10.37 -6.40
C ASP B 35 11.37 -9.53 -7.25
N PHE B 36 11.71 -9.39 -8.54
CA PHE B 36 11.00 -8.46 -9.42
C PHE B 36 9.68 -9.00 -9.94
N THR B 37 9.27 -10.20 -9.56
CA THR B 37 7.99 -10.73 -9.98
C THR B 37 6.85 -10.41 -9.02
N LEU B 38 7.14 -9.80 -7.86
CA LEU B 38 6.15 -9.57 -6.82
C LEU B 38 5.48 -8.21 -6.96
N THR B 39 4.25 -8.12 -6.46
CA THR B 39 3.44 -6.91 -6.50
C THR B 39 3.40 -6.25 -5.12
N GLY B 40 3.70 -4.96 -5.07
CA GLY B 40 3.77 -4.26 -3.81
C GLY B 40 5.18 -4.35 -3.23
N PRO B 41 5.61 -3.30 -2.55
CA PRO B 41 6.98 -3.26 -2.02
C PRO B 41 7.22 -4.27 -0.90
N ARG B 42 8.41 -4.85 -0.91
CA ARG B 42 8.82 -5.90 0.02
C ARG B 42 10.07 -5.48 0.79
N TYR B 43 10.30 -6.17 1.91
CA TYR B 43 11.52 -5.99 2.68
C TYR B 43 12.15 -7.37 2.93
N ASN B 44 13.45 -7.37 3.24
CA ASN B 44 14.16 -8.61 3.49
C ASN B 44 14.26 -8.89 4.98
N GLY B 45 14.08 -10.17 5.35
CA GLY B 45 14.32 -10.61 6.70
C GLY B 45 15.75 -11.00 7.01
N ASN B 46 16.60 -11.12 5.99
CA ASN B 46 17.99 -11.54 6.16
C ASN B 46 18.73 -11.15 4.88
N ILE B 47 20.03 -11.48 4.83
CA ILE B 47 20.82 -11.29 3.62
C ILE B 47 20.90 -12.60 2.86
N ALA B 48 20.40 -12.61 1.64
CA ALA B 48 20.32 -13.78 0.76
C ALA B 48 19.78 -13.27 -0.56
N GLN B 49 20.08 -14.00 -1.63
CA GLN B 49 19.62 -13.57 -2.94
C GLN B 49 18.11 -13.65 -3.00
N PHE B 50 17.51 -12.66 -3.64
CA PHE B 50 16.06 -12.57 -3.80
C PHE B 50 15.31 -12.53 -2.46
N ALA B 51 15.96 -12.01 -1.41
CA ALA B 51 15.41 -12.10 -0.06
C ALA B 51 14.23 -11.16 0.19
N MET B 52 14.09 -10.10 -0.60
CA MET B 52 13.08 -9.06 -0.38
C MET B 52 11.72 -9.56 -0.86
N ILE B 53 11.02 -10.31 0.00
CA ILE B 53 9.74 -10.88 -0.40
C ILE B 53 8.62 -10.56 0.58
N TRP B 54 8.97 -10.09 1.77
CA TRP B 54 7.98 -9.87 2.82
C TRP B 54 7.21 -8.59 2.58
N LYS B 55 5.87 -8.67 2.58
CA LYS B 55 5.06 -7.56 2.11
C LYS B 55 4.94 -6.48 3.17
N ILE B 56 5.37 -5.27 2.83
CA ILE B 56 5.24 -4.11 3.70
C ILE B 56 3.78 -3.71 3.82
N LYS B 57 3.35 -3.42 5.04
CA LYS B 57 1.95 -3.10 5.30
C LYS B 57 1.66 -1.63 5.05
N ASN B 58 0.50 -1.37 4.42
CA ASN B 58 -0.02 -0.02 4.21
C ASN B 58 1.04 0.92 3.62
N PRO B 59 1.68 0.52 2.51
CA PRO B 59 2.82 1.29 2.03
C PRO B 59 2.36 2.66 1.49
N PRO B 60 3.23 3.66 1.56
CA PRO B 60 2.94 4.91 0.86
C PRO B 60 3.16 4.77 -0.64
N HIS B 61 2.58 5.69 -1.39
CA HIS B 61 2.80 5.77 -2.84
C HIS B 61 4.29 5.81 -3.15
N ASN B 62 4.67 5.13 -4.24
CA ASN B 62 5.98 5.17 -4.90
C ASN B 62 7.04 4.36 -4.17
N LEU B 63 6.72 3.74 -3.04
CA LEU B 63 7.66 2.85 -2.38
C LEU B 63 7.82 1.58 -3.20
N LEU B 64 9.07 1.21 -3.49
CA LEU B 64 9.36 0.05 -4.30
C LEU B 64 10.01 -1.09 -3.53
N GLY B 65 10.60 -0.82 -2.38
CA GLY B 65 11.17 -1.90 -1.58
C GLY B 65 12.12 -1.37 -0.53
N VAL B 66 12.51 -2.27 0.36
CA VAL B 66 13.38 -1.95 1.47
C VAL B 66 14.43 -3.05 1.57
N PHE B 67 15.71 -2.67 1.62
CA PHE B 67 16.80 -3.62 1.82
C PHE B 67 17.64 -3.23 3.03
N PHE B 68 17.63 -4.09 4.06
CA PHE B 68 18.53 -3.96 5.21
C PHE B 68 19.83 -4.68 4.89
N ASP B 69 20.97 -3.97 4.99
CA ASP B 69 22.23 -4.53 4.50
C ASP B 69 22.89 -5.49 5.47
N ASN B 70 22.30 -5.71 6.65
CA ASN B 70 23.02 -6.56 7.63
C ASN B 70 22.04 -7.16 8.63
N ASN B 71 22.42 -8.29 9.26
CA ASN B 71 21.62 -8.89 10.35
C ASN B 71 20.27 -9.45 9.88
N THR B 72 19.41 -9.83 10.83
CA THR B 72 18.10 -10.43 10.50
C THR B 72 17.01 -9.70 11.30
N ARG B 73 15.74 -9.96 11.01
CA ARG B 73 14.63 -9.35 11.80
C ARG B 73 13.36 -10.19 11.63
N ASP B 74 12.24 -9.74 12.20
CA ASP B 74 10.95 -10.46 12.04
C ASP B 74 10.57 -10.45 10.56
N ASP B 75 10.09 -11.58 10.05
CA ASP B 75 9.77 -11.71 8.63
C ASP B 75 8.31 -12.14 8.49
N GLU B 76 7.43 -11.17 8.21
CA GLU B 76 6.00 -11.42 8.12
C GLU B 76 5.40 -10.54 7.03
N ASP B 77 4.37 -11.07 6.36
CA ASP B 77 3.63 -10.32 5.37
C ASP B 77 2.60 -9.44 6.05
N ASP B 78 2.48 -8.20 5.57
CA ASP B 78 1.37 -7.31 5.91
C ASP B 78 1.27 -7.06 7.41
N LYS B 79 2.42 -6.98 8.05
CA LYS B 79 2.44 -6.72 9.48
C LYS B 79 3.14 -5.42 9.82
N TYR B 80 4.23 -5.10 9.16
CA TYR B 80 5.05 -3.93 9.51
C TYR B 80 4.93 -2.84 8.46
N THR B 81 4.58 -1.64 8.91
CA THR B 81 4.64 -0.45 8.07
C THR B 81 6.09 -0.03 7.90
N LEU B 82 6.31 0.83 6.91
CA LEU B 82 7.65 1.38 6.69
C LEU B 82 8.21 2.02 7.96
N GLU B 83 7.37 2.76 8.71
CA GLU B 83 7.84 3.41 9.94
C GLU B 83 8.27 2.40 10.99
N GLU B 84 7.54 1.28 11.12
CA GLU B 84 7.99 0.22 12.03
C GLU B 84 9.30 -0.37 11.56
N LEU B 85 9.43 -0.57 10.25
CA LEU B 85 10.64 -1.18 9.72
C LEU B 85 11.87 -0.33 10.02
N LYS B 86 11.73 0.99 10.06
CA LYS B 86 12.88 1.84 10.35
C LYS B 86 13.44 1.60 11.75
N GLN B 87 12.66 1.00 12.65
CA GLN B 87 13.10 0.65 13.99
C GLN B 87 13.56 -0.81 14.10
N MET B 88 13.64 -1.53 12.98
CA MET B 88 13.89 -2.96 12.95
C MET B 88 15.19 -3.32 12.25
N GLY B 89 16.12 -2.36 12.16
CA GLY B 89 17.41 -2.65 11.56
C GLY B 89 18.14 -3.79 12.26
N ASN B 90 18.06 -3.84 13.59
CA ASN B 90 18.62 -4.94 14.37
C ASN B 90 20.13 -5.09 14.12
N GLY B 91 20.82 -3.98 13.91
CA GLY B 91 22.25 -4.00 13.68
C GLY B 91 22.67 -3.65 12.26
N ALA B 92 21.75 -3.66 11.30
CA ALA B 92 22.08 -3.18 9.97
C ALA B 92 22.63 -1.76 10.06
N LYS B 93 23.66 -1.48 9.26
CA LYS B 93 24.23 -0.14 9.24
C LYS B 93 23.58 0.76 8.20
N ASN B 94 22.88 0.18 7.23
CA ASN B 94 22.19 0.96 6.22
C ASN B 94 20.84 0.33 5.92
N MET B 95 19.82 1.16 5.86
CA MET B 95 18.50 0.76 5.38
C MET B 95 18.27 1.47 4.05
N TYR B 96 18.28 0.72 2.97
CA TYR B 96 18.08 1.27 1.63
C TYR B 96 16.59 1.20 1.29
N ILE B 97 16.02 2.36 0.99
CA ILE B 97 14.60 2.50 0.71
C ILE B 97 14.47 3.00 -0.73
N PHE B 98 13.86 2.19 -1.59
CA PHE B 98 13.85 2.44 -3.02
C PHE B 98 12.52 3.05 -3.41
N TRP B 99 12.57 4.21 -4.09
CA TRP B 99 11.39 5.00 -4.42
C TRP B 99 11.27 5.15 -5.93
N GLN B 100 10.03 5.18 -6.41
CA GLN B 100 9.73 5.51 -7.78
C GLN B 100 9.53 7.02 -7.89
N TYR B 101 10.14 7.63 -8.90
CA TYR B 101 10.00 9.09 -9.13
C TYR B 101 8.57 9.43 -9.54
N GLU B 102 7.97 10.43 -8.89
CA GLU B 102 6.62 10.90 -9.30
C GLU B 102 6.79 12.25 -9.99
N GLN B 103 6.59 12.30 -11.30
CA GLN B 103 6.81 13.57 -12.05
C GLN B 103 5.80 14.63 -11.61
N LYS B 104 6.55 15.82 -11.18
CA LYS B 104 5.64 16.90 -10.75
C LYS B 104 5.37 17.84 -11.94
N ARG C 7 -12.60 25.13 15.02
CA ARG C 7 -11.56 24.96 13.98
C ARG C 7 -12.21 24.98 12.59
N ARG C 8 -11.51 25.52 11.60
CA ARG C 8 -12.08 25.63 10.23
C ARG C 8 -10.97 25.28 9.23
N CYS C 9 -11.34 24.70 8.09
CA CYS C 9 -10.30 24.28 7.11
C CYS C 9 -9.80 25.51 6.36
N ALA C 10 -8.47 25.69 6.31
CA ALA C 10 -7.91 26.84 5.61
C ALA C 10 -8.23 26.84 4.13
N ASN C 11 -8.48 25.65 3.57
CA ASN C 11 -8.78 25.57 2.14
C ASN C 11 -10.27 25.53 1.84
N CYS C 12 -11.05 24.68 2.51
CA CYS C 12 -12.49 24.59 2.10
C CYS C 12 -13.43 25.26 3.09
N ASP C 13 -12.91 25.80 4.20
CA ASP C 13 -13.72 26.52 5.22
C ASP C 13 -14.72 25.61 5.93
N THR C 14 -14.56 24.28 5.86
CA THR C 14 -15.58 23.40 6.48
C THR C 14 -15.34 23.34 7.99
N THR C 15 -16.40 23.13 8.77
CA THR C 15 -16.23 22.95 10.20
C THR C 15 -16.22 21.50 10.60
N SER C 16 -16.54 20.61 9.65
CA SER C 16 -16.90 19.22 9.89
C SER C 16 -15.89 18.32 9.18
N THR C 17 -15.14 17.54 9.95
CA THR C 17 -14.16 16.60 9.43
C THR C 17 -13.91 15.53 10.49
N PRO C 18 -13.52 14.32 10.08
CA PRO C 18 -13.13 13.30 11.08
C PRO C 18 -11.72 13.48 11.60
N LEU C 19 -10.88 14.27 10.95
CA LEU C 19 -9.50 14.40 11.39
C LEU C 19 -8.96 15.70 10.84
N TRP C 20 -8.37 16.52 11.71
CA TRP C 20 -7.73 17.76 11.28
C TRP C 20 -6.29 17.43 10.92
N ARG C 21 -5.85 17.91 9.75
CA ARG C 21 -4.59 17.46 9.17
C ARG C 21 -3.65 18.64 8.93
N ASN C 22 -2.38 18.30 8.75
CA ASN C 22 -1.36 19.31 8.49
C ASN C 22 -1.58 19.98 7.13
N GLY C 23 -1.23 21.27 7.06
CA GLY C 23 -1.31 22.03 5.83
C GLY C 23 -0.26 23.12 5.75
N PRO C 24 -0.31 23.93 4.68
CA PRO C 24 0.64 25.05 4.56
C PRO C 24 0.55 26.05 5.70
N ARG C 25 -0.64 26.29 6.25
CA ARG C 25 -0.83 27.29 7.31
C ARG C 25 -0.48 26.76 8.70
N GLY C 26 -0.07 25.50 8.83
CA GLY C 26 0.32 24.96 10.12
C GLY C 26 -0.25 23.58 10.36
N PRO C 27 0.15 22.96 11.47
CA PRO C 27 -0.49 21.70 11.86
C PRO C 27 -1.98 21.88 12.12
N LYS C 28 -2.73 20.81 11.84
CA LYS C 28 -4.17 20.73 12.10
C LYS C 28 -4.96 21.84 11.40
N SER C 29 -4.44 22.36 10.28
CA SER C 29 -5.04 23.50 9.62
C SER C 29 -5.95 23.15 8.44
N LEU C 30 -5.95 21.89 7.99
CA LEU C 30 -6.79 21.45 6.90
C LEU C 30 -7.73 20.34 7.38
N CYS C 31 -8.89 20.25 6.74
CA CYS C 31 -9.81 19.14 7.02
C CYS C 31 -9.16 17.84 6.54
N ASN C 32 -9.85 16.72 6.76
CA ASN C 32 -9.26 15.44 6.39
C ASN C 32 -9.08 15.32 4.88
N ALA C 33 -10.10 15.68 4.11
CA ALA C 33 -10.00 15.57 2.66
C ALA C 33 -8.91 16.48 2.09
N CYS C 34 -8.92 17.76 2.49
CA CYS C 34 -7.91 18.71 2.00
C CYS C 34 -6.50 18.30 2.44
N GLY C 35 -6.35 17.82 3.67
CA GLY C 35 -5.04 17.38 4.12
C GLY C 35 -4.52 16.20 3.34
N ILE C 36 -5.41 15.32 2.89
CA ILE C 36 -4.96 14.18 2.07
C ILE C 36 -4.61 14.65 0.66
N ARG C 37 -5.41 15.55 0.08
CA ARG C 37 -5.04 16.16 -1.19
C ARG C 37 -3.70 16.87 -1.08
N PHE C 38 -3.48 17.58 0.03
CA PHE C 38 -2.22 18.30 0.19
C PHE C 38 -1.04 17.32 0.19
N LYS C 39 -1.13 16.29 1.01
CA LYS C 39 -0.10 15.26 1.07
C LYS C 39 0.14 14.67 -0.32
N LYS C 40 -0.91 14.44 -1.10
CA LYS C 40 -0.74 13.97 -2.47
C LYS C 40 0.03 15.00 -3.30
N GLU C 41 -0.28 16.28 -3.13
CA GLU C 41 0.38 17.32 -3.91
C GLU C 41 1.86 17.37 -3.62
N GLU C 42 2.25 17.17 -2.36
CA GLU C 42 3.65 17.28 -1.97
C GLU C 42 4.49 16.04 -2.33
N ARG C 43 3.91 15.04 -2.99
CA ARG C 43 4.68 13.85 -3.38
C ARG C 43 5.66 14.18 -4.50
N ARG C 44 6.93 13.83 -4.29
CA ARG C 44 7.96 14.01 -5.31
C ARG C 44 8.85 12.75 -5.42
N GLU D 6 -16.34 -10.65 -9.52
CA GLU D 6 -16.19 -11.40 -8.27
C GLU D 6 -14.71 -11.54 -7.89
N ARG D 7 -13.82 -11.50 -8.88
CA ARG D 7 -12.39 -11.51 -8.62
C ARG D 7 -11.61 -10.89 -9.78
N VAL D 8 -10.73 -9.94 -9.49
CA VAL D 8 -9.81 -9.37 -10.48
C VAL D 8 -8.41 -9.77 -10.06
N GLY D 9 -7.83 -10.73 -10.78
CA GLY D 9 -6.55 -11.29 -10.36
C GLY D 9 -6.67 -12.02 -9.04
N ASP D 10 -5.87 -11.61 -8.07
CA ASP D 10 -5.98 -12.12 -6.72
C ASP D 10 -6.94 -11.31 -5.85
N MET D 11 -7.45 -10.20 -6.35
CA MET D 11 -8.28 -9.32 -5.54
C MET D 11 -9.74 -9.76 -5.64
N ARG D 12 -10.39 -9.93 -4.49
CA ARG D 12 -11.80 -10.25 -4.45
C ARG D 12 -12.62 -8.96 -4.49
N ILE D 13 -13.70 -8.99 -5.24
CA ILE D 13 -14.63 -7.88 -5.35
C ILE D 13 -15.79 -8.17 -4.40
N VAL D 14 -15.92 -7.40 -3.33
CA VAL D 14 -16.91 -7.66 -2.29
C VAL D 14 -17.94 -6.55 -2.33
N ASN D 15 -19.12 -6.82 -2.89
CA ASN D 15 -20.21 -5.87 -2.82
C ASN D 15 -20.96 -6.06 -1.51
N ILE D 16 -21.11 -4.99 -0.76
CA ILE D 16 -21.84 -5.01 0.50
C ILE D 16 -22.94 -3.97 0.42
N THR D 17 -24.17 -4.36 0.76
CA THR D 17 -25.31 -3.45 0.72
C THR D 17 -25.76 -3.15 2.14
N PHE D 18 -25.99 -1.87 2.41
CA PHE D 18 -26.29 -1.39 3.75
C PHE D 18 -27.68 -0.80 3.85
N SER D 19 -28.20 -0.78 5.09
CA SER D 19 -29.49 -0.15 5.35
C SER D 19 -29.41 1.36 5.14
N ASP D 20 -28.30 1.98 5.52
CA ASP D 20 -28.05 3.39 5.25
C ASP D 20 -26.58 3.68 5.45
N ILE D 21 -26.15 4.88 5.04
CA ILE D 21 -24.73 5.20 5.13
C ILE D 21 -24.25 5.16 6.57
N ASN D 22 -25.12 5.50 7.52
CA ASN D 22 -24.75 5.49 8.93
C ASN D 22 -24.43 4.10 9.44
N SER D 23 -25.00 3.07 8.82
CA SER D 23 -24.72 1.71 9.25
C SER D 23 -23.24 1.36 9.13
N ILE D 24 -22.54 1.98 8.16
CA ILE D 24 -21.12 1.73 7.98
C ILE D 24 -20.30 2.13 9.22
N LYS D 25 -20.83 3.04 10.03
CA LYS D 25 -20.12 3.45 11.24
C LYS D 25 -19.91 2.30 12.22
N ASN D 26 -20.77 1.27 12.19
CA ASN D 26 -20.62 0.13 13.09
C ASN D 26 -19.65 -0.93 12.58
N PHE D 27 -19.11 -0.77 11.36
CA PHE D 27 -18.35 -1.81 10.69
C PHE D 27 -16.86 -1.56 10.86
N GLN D 28 -16.17 -2.53 11.41
CA GLN D 28 -14.71 -2.56 11.47
C GLN D 28 -14.16 -3.40 10.34
N PRO D 29 -13.14 -2.93 9.60
CA PRO D 29 -12.49 -1.66 9.85
C PRO D 29 -12.97 -0.56 8.93
N PHE D 30 -14.13 -0.73 8.29
CA PHE D 30 -14.55 0.29 7.32
C PHE D 30 -14.72 1.65 7.98
N SER D 31 -15.18 1.69 9.23
CA SER D 31 -15.46 2.95 9.91
C SER D 31 -14.23 3.82 10.10
N GLN D 32 -13.02 3.27 10.07
CA GLN D 32 -11.85 4.13 10.24
C GLN D 32 -11.28 4.65 8.92
N TYR D 33 -11.88 4.27 7.79
CA TYR D 33 -11.46 4.73 6.47
C TYR D 33 -12.52 5.55 5.75
N PHE D 34 -13.79 5.40 6.12
CA PHE D 34 -14.86 6.17 5.52
C PHE D 34 -14.84 7.58 6.09
N ASP D 35 -14.95 8.58 5.21
CA ASP D 35 -15.12 9.99 5.60
C ASP D 35 -16.60 10.32 5.41
N PHE D 36 -17.35 10.36 6.52
CA PHE D 36 -18.79 10.53 6.47
C PHE D 36 -19.20 11.99 6.26
N THR D 37 -18.27 12.93 6.24
CA THR D 37 -18.60 14.33 6.03
C THR D 37 -18.66 14.70 4.56
N LEU D 38 -18.40 13.76 3.65
CA LEU D 38 -18.22 14.08 2.24
C LEU D 38 -19.47 13.75 1.43
N THR D 39 -19.68 14.53 0.38
CA THR D 39 -20.78 14.32 -0.55
C THR D 39 -20.30 13.51 -1.74
N GLY D 40 -21.04 12.45 -2.07
CA GLY D 40 -20.70 11.62 -3.21
C GLY D 40 -19.72 10.51 -2.85
N PRO D 41 -19.83 9.38 -3.55
CA PRO D 41 -18.99 8.21 -3.20
C PRO D 41 -17.52 8.44 -3.55
N ARG D 42 -16.66 8.00 -2.64
CA ARG D 42 -15.22 8.18 -2.71
C ARG D 42 -14.50 6.83 -2.65
N TYR D 43 -13.25 6.83 -3.12
CA TYR D 43 -12.36 5.68 -2.99
C TYR D 43 -11.04 6.15 -2.36
N ASN D 44 -10.27 5.21 -1.84
CA ASN D 44 -8.96 5.51 -1.26
C ASN D 44 -7.84 5.13 -2.23
N GLY D 45 -6.82 5.96 -2.28
CA GLY D 45 -5.66 5.68 -3.09
C GLY D 45 -4.54 5.01 -2.34
N ASN D 46 -4.73 4.79 -1.03
CA ASN D 46 -3.71 4.27 -0.15
C ASN D 46 -4.38 4.00 1.19
N ILE D 47 -3.65 3.35 2.10
CA ILE D 47 -4.18 3.11 3.43
C ILE D 47 -3.75 4.24 4.35
N ALA D 48 -4.73 5.00 4.84
CA ALA D 48 -4.50 6.05 5.82
C ALA D 48 -5.80 6.25 6.57
N GLN D 49 -5.76 7.07 7.62
CA GLN D 49 -6.96 7.39 8.37
C GLN D 49 -7.96 8.14 7.50
N PHE D 50 -9.16 7.59 7.39
CA PHE D 50 -10.25 8.22 6.66
C PHE D 50 -9.83 8.57 5.24
N ALA D 51 -9.18 7.62 4.57
CA ALA D 51 -8.54 7.87 3.29
C ALA D 51 -9.50 7.84 2.09
N MET D 52 -10.74 7.42 2.27
CA MET D 52 -11.69 7.36 1.15
C MET D 52 -12.19 8.78 0.85
N ILE D 53 -11.41 9.53 0.07
CA ILE D 53 -11.79 10.93 -0.19
C ILE D 53 -11.81 11.28 -1.67
N TRP D 54 -11.25 10.44 -2.54
CA TRP D 54 -11.19 10.75 -3.96
C TRP D 54 -12.51 10.46 -4.67
N LYS D 55 -13.02 11.43 -5.42
CA LYS D 55 -14.35 11.27 -6.02
C LYS D 55 -14.33 10.25 -7.15
N ILE D 56 -15.20 9.25 -7.03
CA ILE D 56 -15.44 8.32 -8.13
C ILE D 56 -16.18 9.04 -9.25
N LYS D 57 -15.76 8.78 -10.49
CA LYS D 57 -16.34 9.45 -11.65
C LYS D 57 -17.66 8.81 -12.07
N ASN D 58 -18.64 9.66 -12.39
CA ASN D 58 -19.96 9.25 -12.88
C ASN D 58 -20.50 8.04 -12.10
N PRO D 59 -20.61 8.14 -10.79
CA PRO D 59 -20.92 6.95 -9.99
C PRO D 59 -22.33 6.46 -10.22
N PRO D 60 -22.53 5.14 -10.25
CA PRO D 60 -23.88 4.60 -10.34
C PRO D 60 -24.71 5.01 -9.12
N HIS D 61 -26.02 5.10 -9.32
CA HIS D 61 -26.87 5.46 -8.20
C HIS D 61 -26.76 4.42 -7.09
N ASN D 62 -26.78 4.89 -5.85
CA ASN D 62 -26.72 4.10 -4.63
C ASN D 62 -25.30 3.64 -4.27
N LEU D 63 -24.30 3.89 -5.10
CA LEU D 63 -22.94 3.63 -4.67
C LEU D 63 -22.56 4.58 -3.55
N LEU D 64 -21.99 4.04 -2.46
CA LEU D 64 -21.59 4.85 -1.32
C LEU D 64 -20.10 5.03 -1.18
N GLY D 65 -19.31 4.11 -1.72
CA GLY D 65 -17.86 4.24 -1.63
C GLY D 65 -17.18 2.96 -2.06
N VAL D 66 -15.87 3.04 -2.15
CA VAL D 66 -15.01 1.94 -2.54
C VAL D 66 -13.80 1.97 -1.62
N PHE D 67 -13.51 0.83 -0.98
CA PHE D 67 -12.36 0.71 -0.09
C PHE D 67 -11.45 -0.40 -0.59
N PHE D 68 -10.22 -0.04 -0.96
CA PHE D 68 -9.17 -1.00 -1.29
C PHE D 68 -8.37 -1.33 -0.03
N ASP D 69 -8.34 -2.60 0.35
CA ASP D 69 -7.76 -3.00 1.67
C ASP D 69 -6.24 -2.83 1.79
N ASN D 70 -5.55 -2.55 0.69
CA ASN D 70 -4.07 -2.50 0.80
C ASN D 70 -3.44 -1.85 -0.42
N ASN D 71 -2.16 -1.48 -0.33
CA ASN D 71 -1.40 -0.96 -1.48
C ASN D 71 -1.84 0.44 -1.92
N THR D 72 -1.36 0.86 -3.08
CA THR D 72 -1.64 2.24 -3.52
C THR D 72 -2.12 2.27 -4.96
N ARG D 73 -2.70 3.39 -5.38
CA ARG D 73 -3.15 3.56 -6.76
C ARG D 73 -3.28 5.05 -7.06
N ASP D 74 -3.35 5.37 -8.34
CA ASP D 74 -3.50 6.78 -8.72
C ASP D 74 -4.74 7.37 -8.04
N ASP D 75 -4.56 8.53 -7.43
CA ASP D 75 -5.53 9.14 -6.54
C ASP D 75 -5.90 10.50 -7.14
N GLU D 76 -7.04 10.58 -7.79
CA GLU D 76 -7.51 11.82 -8.39
C GLU D 76 -9.02 11.89 -8.27
N ASP D 77 -9.54 13.11 -8.29
CA ASP D 77 -10.98 13.35 -8.28
C ASP D 77 -11.56 13.30 -9.68
N ASP D 78 -12.69 12.59 -9.80
CA ASP D 78 -13.56 12.58 -10.98
C ASP D 78 -12.81 12.15 -12.24
N LYS D 79 -11.91 11.17 -12.08
CA LYS D 79 -11.13 10.61 -13.17
C LYS D 79 -11.46 9.15 -13.46
N TYR D 80 -11.68 8.32 -12.43
CA TYR D 80 -11.90 6.89 -12.61
C TYR D 80 -13.34 6.51 -12.25
N THR D 81 -13.97 5.76 -13.13
CA THR D 81 -15.25 5.11 -12.90
C THR D 81 -15.05 3.88 -12.01
N LEU D 82 -16.18 3.41 -11.46
CA LEU D 82 -16.16 2.17 -10.68
C LEU D 82 -15.50 1.01 -11.44
N GLU D 83 -15.77 0.91 -12.75
CA GLU D 83 -15.24 -0.21 -13.53
C GLU D 83 -13.74 -0.09 -13.73
N GLU D 84 -13.24 1.14 -13.93
CA GLU D 84 -11.80 1.36 -13.96
C GLU D 84 -11.15 1.00 -12.64
N LEU D 85 -11.78 1.40 -11.55
CA LEU D 85 -11.22 1.14 -10.23
C LEU D 85 -11.09 -0.35 -9.94
N LYS D 86 -11.95 -1.19 -10.53
CA LYS D 86 -11.81 -2.63 -10.28
C LYS D 86 -10.53 -3.19 -10.88
N GLN D 87 -9.90 -2.47 -11.80
CA GLN D 87 -8.64 -2.92 -12.38
C GLN D 87 -7.44 -2.27 -11.68
N MET D 88 -7.69 -1.51 -10.63
CA MET D 88 -6.63 -0.70 -10.03
C MET D 88 -6.31 -1.15 -8.61
N GLY D 89 -6.52 -2.45 -8.31
CA GLY D 89 -6.19 -2.96 -6.99
C GLY D 89 -4.71 -2.85 -6.67
N ASN D 90 -3.84 -3.19 -7.64
CA ASN D 90 -2.39 -3.01 -7.50
C ASN D 90 -1.86 -3.70 -6.24
N GLY D 91 -2.40 -4.87 -5.91
CA GLY D 91 -1.93 -5.66 -4.79
C GLY D 91 -2.94 -5.81 -3.65
N ALA D 92 -3.95 -4.95 -3.58
CA ALA D 92 -5.02 -5.12 -2.61
C ALA D 92 -5.62 -6.53 -2.71
N LYS D 93 -5.88 -7.14 -1.57
CA LYS D 93 -6.51 -8.46 -1.63
C LYS D 93 -8.03 -8.40 -1.65
N ASN D 94 -8.62 -7.27 -1.26
CA ASN D 94 -10.06 -7.11 -1.30
C ASN D 94 -10.42 -5.69 -1.69
N MET D 95 -11.36 -5.57 -2.60
CA MET D 95 -11.95 -4.28 -2.96
C MET D 95 -13.38 -4.33 -2.50
N TYR D 96 -13.69 -3.53 -1.47
CA TYR D 96 -15.04 -3.49 -0.92
C TYR D 96 -15.81 -2.36 -1.58
N ILE D 97 -16.99 -2.68 -2.10
CA ILE D 97 -17.82 -1.72 -2.80
C ILE D 97 -19.11 -1.59 -2.00
N PHE D 98 -19.39 -0.39 -1.52
CA PHE D 98 -20.46 -0.14 -0.55
C PHE D 98 -21.68 0.40 -1.28
N TRP D 99 -22.83 -0.19 -1.01
CA TRP D 99 -24.07 0.17 -1.70
C TRP D 99 -25.17 0.49 -0.70
N GLN D 100 -25.95 1.51 -1.01
CA GLN D 100 -27.16 1.78 -0.27
C GLN D 100 -28.28 0.91 -0.86
N TYR D 101 -28.97 0.15 0.00
CA TYR D 101 -30.06 -0.68 -0.52
C TYR D 101 -31.18 0.21 -1.05
N GLU D 102 -31.95 -0.33 -1.97
CA GLU D 102 -33.17 0.31 -2.43
C GLU D 102 -34.30 -0.72 -2.45
N GLN D 103 -35.53 -0.21 -2.46
CA GLN D 103 -36.72 -1.06 -2.47
C GLN D 103 -37.29 -1.31 -3.86
N LYS D 104 -36.89 -0.52 -4.86
CA LYS D 104 -37.52 -0.47 -6.19
C LYS D 104 -39.00 -0.85 -6.23
#